data_3EYG
#
_entry.id   3EYG
#
_cell.length_a   45.025
_cell.length_b   88.218
_cell.length_c   145.834
_cell.angle_alpha   90.000
_cell.angle_beta   90.000
_cell.angle_gamma   90.000
#
_symmetry.space_group_name_H-M   'C 2 2 21'
#
loop_
_entity.id
_entity.type
_entity.pdbx_description
1 polymer 'Tyrosine-protein kinase'
2 non-polymer 3-{(3R,4R)-4-methyl-3-[methyl(7H-pyrrolo[2,3-d]pyrimidin-4-yl)amino]piperidin-1-yl}-3-oxopropanenitrile
3 water water
#
_entity_poly.entity_id   1
_entity_poly.type   'polypeptide(L)'
_entity_poly.pdbx_seq_one_letter_code
;VDPTHFEKRFLKRIRDLGEGHFGKVELCRYDPEGDNTGEQVAVKSLKPESGGNHIADLKKEIEILRNLYHENIVKYKGIC
TEDGGNGIKLIMEFLPSGSLKEYLPKNKNKINLKQQLKYAVQICKGMDYLGSRQYVHRDLAARNVLVESEHQVKIGDFGL
TKAIETDKE(PTR)(PTR)TVKDDRDSPVFWYAPECLMQSKFYIASDVWSFGVTLHELLTYCDSDSSPMALFLKMIGPTH
GQMTVTRLVNTLKEGKRLPCPPNCPDEVYQLMRKCWEFQPSNRTSFQNLIEGFEALLK
;
_entity_poly.pdbx_strand_id   A
#
loop_
_chem_comp.id
_chem_comp.type
_chem_comp.name
_chem_comp.formula
MI1 non-polymer 3-{(3R,4R)-4-methyl-3-[methyl(7H-pyrrolo[2,3-d]pyrimidin-4-yl)amino]piperidin-1-yl}-3-oxopropanenitrile 'C16 H20 N6 O'
#
# COMPACT_ATOMS: atom_id res chain seq x y z
N VAL A 1 29.98 -13.82 -2.15
CA VAL A 1 30.54 -15.16 -2.49
C VAL A 1 29.56 -16.34 -2.32
N ASP A 2 28.36 -16.05 -1.83
CA ASP A 2 27.22 -16.80 -2.29
C ASP A 2 26.71 -15.98 -3.49
N PRO A 3 26.91 -16.49 -4.73
CA PRO A 3 26.46 -15.70 -5.91
C PRO A 3 24.94 -15.49 -5.98
N THR A 4 24.17 -16.23 -5.18
CA THR A 4 22.71 -16.14 -5.25
C THR A 4 22.18 -15.03 -4.34
N HIS A 5 23.06 -14.43 -3.56
CA HIS A 5 22.68 -13.32 -2.68
C HIS A 5 23.41 -12.06 -3.14
N PHE A 6 23.03 -10.92 -2.55
CA PHE A 6 23.70 -9.64 -2.80
C PHE A 6 24.76 -9.44 -1.71
N GLU A 7 26.01 -9.21 -2.11
CA GLU A 7 27.08 -8.87 -1.18
C GLU A 7 26.95 -7.45 -0.63
N LYS A 8 26.90 -7.36 0.70
CA LYS A 8 26.80 -6.08 1.39
C LYS A 8 27.85 -5.10 0.91
N ARG A 9 29.09 -5.55 0.74
CA ARG A 9 30.20 -4.63 0.39
C ARG A 9 30.05 -4.00 -1.01
N PHE A 10 29.17 -4.57 -1.84
CA PHE A 10 28.98 -4.03 -3.20
C PHE A 10 27.66 -3.31 -3.40
N LEU A 11 26.85 -3.20 -2.34
CA LEU A 11 25.64 -2.39 -2.38
C LEU A 11 26.07 -0.97 -2.07
N LYS A 12 26.48 -0.27 -3.10
CA LYS A 12 27.10 1.04 -2.93
C LYS A 12 25.99 2.05 -2.66
N ARG A 13 26.04 2.63 -1.46
CA ARG A 13 24.94 3.42 -0.98
C ARG A 13 24.93 4.71 -1.77
N ILE A 14 23.72 5.16 -2.16
CA ILE A 14 23.56 6.43 -2.88
C ILE A 14 22.81 7.49 -2.07
N ARG A 15 21.56 7.22 -1.71
CA ARG A 15 20.73 8.13 -0.88
C ARG A 15 19.54 7.39 -0.24
N ASP A 16 18.87 8.05 0.70
CA ASP A 16 17.70 7.45 1.36
C ASP A 16 16.53 7.59 0.43
N LEU A 17 15.63 6.61 0.43
CA LEU A 17 14.39 6.74 -0.34
C LEU A 17 13.13 6.91 0.48
N GLY A 18 13.09 6.28 1.65
CA GLY A 18 11.94 6.38 2.52
C GLY A 18 12.10 5.59 3.79
N GLU A 19 11.11 5.69 4.66
CA GLU A 19 11.07 4.97 5.92
C GLU A 19 9.66 4.45 6.15
N GLY A 20 9.58 3.29 6.77
CA GLY A 20 8.31 2.71 7.19
C GLY A 20 8.38 2.35 8.65
N HIS A 21 7.76 1.24 9.01
CA HIS A 21 7.62 0.86 10.43
C HIS A 21 8.95 0.39 11.00
N PHE A 22 9.32 -0.85 10.66
CA PHE A 22 10.54 -1.47 11.12
C PHE A 22 11.76 -1.01 10.32
N GLY A 23 11.52 -0.58 9.07
CA GLY A 23 12.56 -0.44 8.07
C GLY A 23 12.82 0.95 7.49
N LYS A 24 13.94 1.05 6.80
CA LYS A 24 14.19 2.18 5.90
C LYS A 24 14.54 1.60 4.52
N VAL A 25 14.26 2.36 3.47
CA VAL A 25 14.67 1.96 2.11
C VAL A 25 15.70 2.97 1.56
N GLU A 26 16.77 2.44 0.95
CA GLU A 26 17.85 3.25 0.41
C GLU A 26 18.09 2.84 -1.03
N LEU A 27 18.53 3.80 -1.83
CA LEU A 27 18.97 3.56 -3.18
C LEU A 27 20.45 3.18 -3.14
N CYS A 28 20.80 2.04 -3.75
CA CYS A 28 22.19 1.59 -3.93
C CYS A 28 22.42 1.25 -5.39
N ARG A 29 23.68 1.34 -5.83
CA ARG A 29 24.09 0.65 -7.06
C ARG A 29 24.78 -0.63 -6.68
N TYR A 30 24.22 -1.77 -7.08
CA TYR A 30 24.93 -3.01 -6.83
C TYR A 30 26.06 -3.20 -7.85
N ASP A 31 27.29 -2.99 -7.41
CA ASP A 31 28.36 -2.96 -8.40
C ASP A 31 29.50 -3.93 -8.12
N PRO A 32 29.23 -5.26 -8.21
CA PRO A 32 30.25 -6.25 -7.83
C PRO A 32 31.48 -6.24 -8.74
N GLU A 33 31.30 -5.81 -9.99
CA GLU A 33 32.40 -5.77 -10.98
C GLU A 33 33.31 -4.57 -10.78
N GLY A 34 32.84 -3.64 -9.95
CA GLY A 34 33.53 -2.39 -9.68
C GLY A 34 33.76 -1.43 -10.83
N ASP A 35 33.07 -1.64 -11.96
CA ASP A 35 33.22 -0.81 -13.17
C ASP A 35 32.00 0.06 -13.47
N ASN A 36 31.22 0.34 -12.43
CA ASN A 36 29.94 1.10 -12.55
C ASN A 36 28.96 0.64 -13.62
N THR A 37 28.90 -0.65 -13.88
CA THR A 37 27.92 -1.12 -14.83
C THR A 37 26.73 -1.81 -14.14
N GLY A 38 26.78 -1.94 -12.80
CA GLY A 38 25.72 -2.63 -12.03
C GLY A 38 24.44 -1.79 -11.95
N GLU A 39 23.33 -2.42 -11.58
CA GLU A 39 22.07 -1.69 -11.54
C GLU A 39 21.83 -1.04 -10.22
N GLN A 40 21.08 0.05 -10.28
CA GLN A 40 20.49 0.67 -9.12
C GLN A 40 19.36 -0.24 -8.62
N VAL A 41 19.30 -0.44 -7.30
CA VAL A 41 18.30 -1.30 -6.64
C VAL A 41 17.87 -0.55 -5.33
N ALA A 42 16.69 -0.89 -4.84
CA ALA A 42 16.19 -0.33 -3.59
C ALA A 42 16.43 -1.41 -2.53
N VAL A 43 16.93 -0.98 -1.37
CA VAL A 43 17.39 -1.89 -0.33
C VAL A 43 16.65 -1.52 0.95
N LYS A 44 15.90 -2.48 1.51
CA LYS A 44 15.23 -2.27 2.80
C LYS A 44 16.04 -2.92 3.94
N SER A 45 16.39 -2.12 4.92
CA SER A 45 17.16 -2.57 6.08
C SER A 45 16.41 -2.17 7.36
N LEU A 46 16.74 -2.81 8.46
CA LEU A 46 16.21 -2.39 9.76
C LEU A 46 16.73 -1.00 10.07
N LYS A 47 15.85 -0.15 10.60
CA LYS A 47 16.20 1.20 11.06
C LYS A 47 17.35 1.25 12.11
N PRO A 48 18.16 2.30 12.01
CA PRO A 48 19.26 2.56 12.94
C PRO A 48 18.79 2.62 14.40
N HIS A 54 13.76 -6.20 15.31
CA HIS A 54 12.60 -6.38 14.42
C HIS A 54 13.01 -7.23 13.24
N ILE A 55 14.10 -7.93 13.42
CA ILE A 55 14.63 -8.81 12.41
C ILE A 55 13.60 -9.82 11.90
N ALA A 56 12.85 -10.45 12.81
CA ALA A 56 11.87 -11.47 12.45
C ALA A 56 10.80 -10.91 11.49
N ASP A 57 10.41 -9.66 11.73
CA ASP A 57 9.42 -8.95 10.92
C ASP A 57 9.86 -8.72 9.48
N LEU A 58 11.13 -8.34 9.32
CA LEU A 58 11.69 -8.15 7.99
C LEU A 58 11.79 -9.48 7.29
N LYS A 59 12.20 -10.53 8.01
CA LYS A 59 12.25 -11.84 7.38
C LYS A 59 10.89 -12.35 6.90
N LYS A 60 9.84 -12.07 7.68
CA LYS A 60 8.47 -12.44 7.26
C LYS A 60 8.10 -11.66 5.99
N GLU A 61 8.48 -10.38 5.93
CA GLU A 61 8.20 -9.56 4.75
C GLU A 61 8.96 -10.08 3.54
N ILE A 62 10.21 -10.49 3.73
CA ILE A 62 10.98 -11.18 2.68
C ILE A 62 10.33 -12.44 2.13
N GLU A 63 9.83 -13.31 3.02
CA GLU A 63 9.11 -14.52 2.60
C GLU A 63 7.85 -14.20 1.80
N ILE A 64 7.12 -13.18 2.20
CA ILE A 64 5.96 -12.78 1.40
C ILE A 64 6.41 -12.32 0.02
N LEU A 65 7.32 -11.34 -0.04
CA LEU A 65 7.66 -10.78 -1.35
C LEU A 65 8.34 -11.80 -2.28
N ARG A 66 9.16 -12.70 -1.71
CA ARG A 66 9.62 -13.87 -2.48
C ARG A 66 8.50 -14.64 -3.18
N ASN A 67 7.33 -14.67 -2.56
CA ASN A 67 6.23 -15.53 -2.98
C ASN A 67 5.30 -14.74 -3.90
N LEU A 68 5.69 -13.51 -4.26
CA LEU A 68 4.83 -12.64 -5.12
C LEU A 68 5.54 -12.25 -6.38
N TYR A 69 4.86 -12.41 -7.52
CA TYR A 69 5.43 -12.00 -8.79
C TYR A 69 4.27 -11.50 -9.64
N HIS A 70 4.20 -10.18 -9.84
CA HIS A 70 3.07 -9.57 -10.58
C HIS A 70 3.50 -8.24 -11.20
N GLU A 71 2.90 -7.91 -12.34
CA GLU A 71 3.18 -6.66 -13.04
C GLU A 71 2.99 -5.39 -12.18
N ASN A 72 2.04 -5.44 -11.25
CA ASN A 72 1.77 -4.30 -10.38
C ASN A 72 2.20 -4.56 -8.95
N ILE A 73 3.20 -5.41 -8.79
CA ILE A 73 3.80 -5.58 -7.47
C ILE A 73 5.32 -5.32 -7.60
N VAL A 74 5.89 -4.56 -6.66
CA VAL A 74 7.34 -4.27 -6.72
C VAL A 74 8.14 -5.59 -6.81
N LYS A 75 9.11 -5.61 -7.70
CA LYS A 75 9.84 -6.84 -8.02
C LYS A 75 10.87 -7.16 -6.95
N TYR A 76 10.71 -8.34 -6.36
CA TYR A 76 11.71 -8.93 -5.45
C TYR A 76 12.99 -9.25 -6.24
N LYS A 77 14.17 -8.83 -5.75
CA LYS A 77 15.45 -9.21 -6.39
C LYS A 77 16.29 -10.21 -5.58
N GLY A 78 16.27 -10.07 -4.27
CA GLY A 78 17.05 -10.97 -3.45
C GLY A 78 17.26 -10.52 -2.03
N ILE A 79 18.24 -11.15 -1.39
CA ILE A 79 18.58 -10.80 -0.04
C ILE A 79 20.07 -10.60 0.06
N CYS A 80 20.43 -9.87 1.11
CA CYS A 80 21.79 -9.65 1.55
C CYS A 80 21.83 -10.07 3.02
N THR A 81 22.71 -10.99 3.36
CA THR A 81 22.78 -11.49 4.74
C THR A 81 24.05 -11.01 5.47
N GLU A 82 23.91 -10.74 6.78
CA GLU A 82 24.97 -10.07 7.54
C GLU A 82 25.79 -11.05 8.35
N ASN A 86 22.02 -13.65 11.12
CA ASN A 86 21.58 -12.52 11.94
C ASN A 86 20.79 -11.48 11.11
N GLY A 87 21.45 -10.38 10.76
CA GLY A 87 20.81 -9.27 10.03
C GLY A 87 20.51 -9.66 8.61
N ILE A 88 19.57 -8.95 7.98
CA ILE A 88 19.23 -9.26 6.59
C ILE A 88 18.79 -7.95 5.93
N LYS A 89 18.92 -7.86 4.62
CA LYS A 89 18.38 -6.75 3.84
C LYS A 89 17.54 -7.33 2.75
N LEU A 90 16.49 -6.61 2.35
CA LEU A 90 15.60 -7.05 1.29
C LEU A 90 15.98 -6.18 0.09
N ILE A 91 16.27 -6.82 -1.03
CA ILE A 91 16.66 -6.12 -2.23
C ILE A 91 15.49 -6.16 -3.22
N MET A 92 15.13 -5.00 -3.73
CA MET A 92 14.02 -4.84 -4.69
C MET A 92 14.43 -3.99 -5.88
N GLU A 93 13.65 -4.04 -6.97
CA GLU A 93 13.86 -3.08 -8.06
C GLU A 93 13.64 -1.63 -7.55
N PHE A 94 14.32 -0.68 -8.20
CA PHE A 94 14.17 0.73 -7.88
C PHE A 94 13.18 1.35 -8.82
N LEU A 95 12.19 2.09 -8.28
CA LEU A 95 11.16 2.77 -9.09
C LEU A 95 11.32 4.26 -8.86
N PRO A 96 12.04 4.94 -9.78
CA PRO A 96 12.57 6.30 -9.66
C PRO A 96 11.58 7.41 -9.30
N SER A 97 10.34 7.29 -9.73
CA SER A 97 9.33 8.35 -9.42
C SER A 97 8.79 8.29 -7.99
N GLY A 98 9.11 7.25 -7.22
CA GLY A 98 8.76 7.25 -5.80
C GLY A 98 7.28 6.92 -5.59
N SER A 99 6.75 7.24 -4.43
CA SER A 99 5.35 6.86 -4.17
C SER A 99 4.39 7.84 -4.79
N LEU A 100 3.15 7.40 -4.96
CA LEU A 100 2.07 8.26 -5.41
C LEU A 100 1.95 9.50 -4.51
N LYS A 101 2.19 9.34 -3.22
CA LYS A 101 2.08 10.42 -2.25
C LYS A 101 3.01 11.60 -2.54
N GLU A 102 4.18 11.31 -3.08
CA GLU A 102 5.13 12.35 -3.45
C GLU A 102 5.01 12.74 -4.92
N TYR A 103 4.69 11.78 -5.79
CA TYR A 103 4.56 11.99 -7.24
C TYR A 103 3.32 12.82 -7.63
N LEU A 104 2.17 12.48 -7.07
CA LEU A 104 0.95 13.15 -7.53
C LEU A 104 0.98 14.68 -7.28
N PRO A 105 1.33 15.16 -6.05
CA PRO A 105 1.38 16.65 -5.88
C PRO A 105 2.25 17.40 -6.90
N LYS A 106 3.32 16.75 -7.36
CA LYS A 106 4.19 17.32 -8.37
C LYS A 106 3.66 17.25 -9.82
N ASN A 107 2.54 16.56 -10.05
CA ASN A 107 2.11 16.23 -11.42
C ASN A 107 0.63 16.44 -11.74
N LYS A 108 0.00 17.37 -11.03
CA LYS A 108 -1.42 17.62 -11.22
C LYS A 108 -1.79 17.94 -12.66
N ASN A 109 -0.89 18.64 -13.36
CA ASN A 109 -1.18 19.09 -14.70
C ASN A 109 -0.79 18.07 -15.73
N LYS A 110 -0.16 17.00 -15.27
CA LYS A 110 0.31 15.93 -16.13
C LYS A 110 -0.62 14.73 -16.03
N ILE A 111 -1.21 14.50 -14.86
CA ILE A 111 -1.97 13.27 -14.64
C ILE A 111 -3.48 13.56 -14.63
N ASN A 112 -4.22 13.08 -15.63
CA ASN A 112 -5.63 13.40 -15.71
C ASN A 112 -6.47 12.28 -15.15
N LEU A 113 -7.79 12.45 -15.14
CA LEU A 113 -8.68 11.44 -14.58
C LEU A 113 -8.55 10.09 -15.26
N LYS A 114 -8.41 10.09 -16.59
CA LYS A 114 -8.18 8.86 -17.35
C LYS A 114 -6.93 8.09 -16.81
N GLN A 115 -5.82 8.79 -16.68
CA GLN A 115 -4.61 8.16 -16.09
C GLN A 115 -4.84 7.69 -14.64
N GLN A 116 -5.59 8.45 -13.85
CA GLN A 116 -5.92 8.03 -12.46
C GLN A 116 -6.71 6.74 -12.43
N LEU A 117 -7.68 6.60 -13.32
CA LEU A 117 -8.44 5.35 -13.42
C LEU A 117 -7.56 4.18 -13.85
N LYS A 118 -6.59 4.42 -14.74
CA LYS A 118 -5.64 3.35 -15.10
C LYS A 118 -4.81 2.91 -13.91
N TYR A 119 -4.40 3.86 -13.07
CA TYR A 119 -3.72 3.50 -11.83
C TYR A 119 -4.65 2.70 -10.93
N ALA A 120 -5.93 3.10 -10.84
CA ALA A 120 -6.88 2.38 -9.99
C ALA A 120 -6.94 0.92 -10.42
N VAL A 121 -7.04 0.69 -11.74
CA VAL A 121 -7.07 -0.68 -12.30
C VAL A 121 -5.81 -1.46 -11.95
N GLN A 122 -4.65 -0.84 -12.09
CA GLN A 122 -3.36 -1.52 -11.78
C GLN A 122 -3.22 -1.88 -10.31
N ILE A 123 -3.58 -0.93 -9.44
CA ILE A 123 -3.70 -1.24 -8.00
C ILE A 123 -4.65 -2.42 -7.72
N CYS A 124 -5.83 -2.40 -8.32
CA CYS A 124 -6.80 -3.47 -8.10
C CYS A 124 -6.30 -4.81 -8.63
N LYS A 125 -5.62 -4.77 -9.77
CA LYS A 125 -5.00 -6.01 -10.27
C LYS A 125 -3.93 -6.59 -9.32
N GLY A 126 -3.01 -5.75 -8.82
CA GLY A 126 -2.00 -6.23 -7.85
C GLY A 126 -2.66 -6.78 -6.60
N MET A 127 -3.69 -6.08 -6.15
CA MET A 127 -4.44 -6.50 -4.97
C MET A 127 -5.25 -7.80 -5.16
N ASP A 128 -5.89 -7.95 -6.30
CA ASP A 128 -6.58 -9.23 -6.62
C ASP A 128 -5.60 -10.41 -6.63
N TYR A 129 -4.42 -10.18 -7.19
CA TYR A 129 -3.35 -11.18 -7.16
C TYR A 129 -2.92 -11.52 -5.72
N LEU A 130 -2.67 -10.47 -4.93
CA LEU A 130 -2.26 -10.65 -3.55
C LEU A 130 -3.28 -11.51 -2.80
N GLY A 131 -4.55 -11.21 -3.00
CA GLY A 131 -5.64 -11.92 -2.32
C GLY A 131 -5.69 -13.37 -2.77
N SER A 132 -5.47 -13.59 -4.07
CA SER A 132 -5.54 -14.93 -4.64
C SER A 132 -4.48 -15.80 -3.99
N ARG A 133 -3.39 -15.16 -3.52
CA ARG A 133 -2.29 -15.82 -2.82
C ARG A 133 -2.53 -15.96 -1.31
N GLN A 134 -3.72 -15.54 -0.87
CA GLN A 134 -4.20 -15.63 0.52
C GLN A 134 -3.47 -14.70 1.49
N TYR A 135 -3.10 -13.52 0.99
CA TYR A 135 -2.55 -12.48 1.83
C TYR A 135 -3.48 -11.30 1.95
N VAL A 136 -3.41 -10.65 3.09
CA VAL A 136 -4.10 -9.40 3.38
C VAL A 136 -3.01 -8.37 3.59
N HIS A 137 -3.11 -7.24 2.87
CA HIS A 137 -2.02 -6.27 2.84
C HIS A 137 -1.88 -5.47 4.12
N ARG A 138 -2.99 -4.94 4.58
CA ARG A 138 -3.10 -4.26 5.89
C ARG A 138 -2.52 -2.84 5.97
N ASP A 139 -2.02 -2.30 4.85
CA ASP A 139 -1.38 -0.97 4.83
C ASP A 139 -1.52 -0.37 3.44
N LEU A 140 -2.68 -0.61 2.81
CA LEU A 140 -2.87 -0.11 1.45
C LEU A 140 -3.23 1.37 1.55
N ALA A 141 -2.28 2.21 1.14
CA ALA A 141 -2.44 3.67 1.14
C ALA A 141 -1.52 4.19 0.03
N ALA A 142 -1.76 5.41 -0.41
CA ALA A 142 -0.97 5.95 -1.50
C ALA A 142 0.55 5.98 -1.20
N ARG A 143 0.94 6.15 0.07
CA ARG A 143 2.38 6.18 0.42
C ARG A 143 3.09 4.84 0.07
N ASN A 144 2.31 3.78 -0.18
CA ASN A 144 2.85 2.46 -0.48
C ASN A 144 2.64 2.03 -1.90
N VAL A 145 2.12 2.95 -2.70
CA VAL A 145 2.01 2.69 -4.13
C VAL A 145 3.14 3.45 -4.83
N LEU A 146 3.99 2.70 -5.53
CA LEU A 146 5.16 3.23 -6.22
C LEU A 146 4.85 3.49 -7.67
N VAL A 147 5.49 4.49 -8.23
CA VAL A 147 5.23 4.88 -9.58
C VAL A 147 6.45 4.46 -10.41
N GLU A 148 6.24 3.56 -11.36
CA GLU A 148 7.34 3.20 -12.25
C GLU A 148 7.48 4.30 -13.29
N SER A 149 6.35 4.70 -13.86
CA SER A 149 6.31 5.81 -14.81
C SER A 149 4.94 6.46 -14.76
N GLU A 150 4.77 7.46 -15.62
CA GLU A 150 3.47 8.08 -15.81
C GLU A 150 2.37 7.06 -16.08
N HIS A 151 2.74 5.93 -16.66
CA HIS A 151 1.78 4.97 -17.14
C HIS A 151 1.62 3.74 -16.26
N GLN A 152 2.49 3.56 -15.28
CA GLN A 152 2.39 2.37 -14.46
C GLN A 152 2.77 2.56 -13.00
N VAL A 153 1.98 1.95 -12.11
CA VAL A 153 2.25 1.91 -10.69
C VAL A 153 2.33 0.47 -10.17
N LYS A 154 2.93 0.33 -8.99
CA LYS A 154 3.06 -1.00 -8.35
C LYS A 154 2.89 -0.88 -6.85
N ILE A 155 2.28 -1.90 -6.21
CA ILE A 155 2.24 -1.97 -4.74
C ILE A 155 3.69 -2.23 -4.27
N GLY A 156 4.18 -1.40 -3.34
CA GLY A 156 5.63 -1.29 -3.16
C GLY A 156 6.18 -1.56 -1.78
N ASP A 157 5.32 -2.04 -0.87
CA ASP A 157 5.72 -2.36 0.51
C ASP A 157 4.76 -3.39 1.06
N PHE A 158 5.24 -4.28 1.96
CA PHE A 158 4.46 -5.43 2.48
C PHE A 158 4.72 -5.66 3.96
N GLY A 159 5.07 -4.59 4.69
CA GLY A 159 5.56 -4.74 6.08
C GLY A 159 4.51 -5.19 7.09
N LEU A 160 3.23 -4.95 6.78
CA LEU A 160 2.14 -5.37 7.66
C LEU A 160 1.32 -6.52 7.09
N THR A 161 1.76 -7.06 5.96
CA THR A 161 1.01 -8.07 5.21
C THR A 161 0.96 -9.37 5.99
N LYS A 162 -0.19 -10.04 5.98
CA LYS A 162 -0.33 -11.31 6.73
C LYS A 162 -1.02 -12.34 5.87
N ALA A 163 -0.75 -13.62 6.13
CA ALA A 163 -1.49 -14.73 5.50
C ALA A 163 -2.84 -15.01 6.17
N ILE A 164 -3.89 -15.21 5.36
CA ILE A 164 -5.14 -15.79 5.86
C ILE A 164 -5.05 -17.32 5.69
N GLU A 165 -5.34 -18.06 6.76
CA GLU A 165 -5.28 -19.56 6.63
C GLU A 165 -6.30 -20.08 5.60
N THR A 166 -5.92 -21.14 4.89
CA THR A 166 -6.85 -21.80 3.96
C THR A 166 -8.19 -22.08 4.64
N ASP A 167 -9.26 -21.77 3.92
CA ASP A 167 -10.65 -21.94 4.37
C ASP A 167 -11.08 -20.93 5.41
N LYS A 168 -10.15 -20.13 5.93
CA LYS A 168 -10.53 -19.03 6.82
C LYS A 168 -10.82 -17.73 6.05
N GLU A 169 -11.59 -16.82 6.67
CA GLU A 169 -11.98 -15.59 5.97
C GLU A 169 -11.23 -14.37 6.46
N PTR A 170 -10.60 -14.50 7.61
CA PTR A 170 -9.88 -13.38 8.18
C PTR A 170 -8.66 -13.83 8.93
O PTR A 170 -8.54 -15.02 9.29
CB PTR A 170 -10.81 -12.53 9.03
CG PTR A 170 -11.32 -13.25 10.24
CD1 PTR A 170 -12.49 -14.02 10.20
CD2 PTR A 170 -10.59 -13.21 11.43
CE1 PTR A 170 -12.93 -14.70 11.33
CE2 PTR A 170 -11.02 -13.87 12.55
CZ PTR A 170 -12.19 -14.61 12.49
OH PTR A 170 -12.45 -15.13 13.58
P PTR A 170 -13.43 -16.33 13.91
O1P PTR A 170 -13.14 -16.64 15.33
O2P PTR A 170 -13.07 -17.56 13.05
O3P PTR A 170 -14.86 -15.80 13.66
N PTR A 171 -7.76 -12.89 9.17
CA PTR A 171 -6.64 -13.07 10.06
C PTR A 171 -6.92 -12.22 11.29
O PTR A 171 -7.36 -11.06 11.17
CB PTR A 171 -5.34 -12.59 9.38
CG PTR A 171 -4.12 -12.61 10.27
CD1 PTR A 171 -3.66 -11.44 10.86
CD2 PTR A 171 -3.42 -13.79 10.51
CE1 PTR A 171 -2.54 -11.45 11.67
CE2 PTR A 171 -2.29 -13.81 11.33
CZ PTR A 171 -1.86 -12.62 11.91
OH PTR A 171 -0.86 -12.51 12.66
P PTR A 171 0.20 -13.63 13.09
O1P PTR A 171 0.87 -14.21 11.90
O2P PTR A 171 -0.59 -14.72 13.78
O3P PTR A 171 1.26 -13.06 14.01
N THR A 172 -6.64 -12.76 12.48
CA THR A 172 -6.80 -11.97 13.72
C THR A 172 -5.47 -11.40 14.13
N VAL A 173 -5.39 -10.08 14.18
CA VAL A 173 -4.17 -9.39 14.51
C VAL A 173 -4.04 -9.26 16.03
N LYS A 174 -2.86 -9.61 16.50
CA LYS A 174 -2.53 -9.59 17.92
C LYS A 174 -1.79 -8.29 18.22
N ASP A 175 -1.04 -7.81 17.24
CA ASP A 175 -0.26 -6.61 17.38
C ASP A 175 -0.70 -5.51 16.37
N ASP A 176 -1.57 -4.61 16.83
CA ASP A 176 -2.13 -3.50 16.02
C ASP A 176 -1.33 -2.20 16.08
N ARG A 177 -0.13 -2.21 16.67
CA ARG A 177 0.56 -0.94 16.96
C ARG A 177 0.93 -0.08 15.76
N ASP A 178 1.09 -0.70 14.60
CA ASP A 178 1.54 0.02 13.41
C ASP A 178 0.37 0.40 12.47
N SER A 179 -0.84 0.13 12.92
CA SER A 179 -1.98 0.16 12.05
C SER A 179 -2.38 1.59 11.58
N PRO A 180 -2.56 1.77 10.25
CA PRO A 180 -3.08 3.02 9.70
C PRO A 180 -4.60 3.10 9.88
N VAL A 181 -5.05 3.49 11.08
CA VAL A 181 -6.48 3.40 11.42
C VAL A 181 -7.47 4.19 10.50
N PHE A 182 -7.00 5.28 9.89
CA PHE A 182 -7.86 6.09 9.04
C PHE A 182 -8.03 5.48 7.65
N TRP A 183 -7.30 4.40 7.39
CA TRP A 183 -7.48 3.57 6.19
C TRP A 183 -8.21 2.26 6.45
N TYR A 184 -8.67 2.04 7.70
CA TYR A 184 -9.15 0.71 8.13
C TYR A 184 -10.64 0.59 8.20
N ALA A 185 -11.12 -0.59 7.84
CA ALA A 185 -12.52 -0.90 7.90
C ALA A 185 -12.94 -1.12 9.38
N PRO A 186 -14.24 -1.03 9.65
CA PRO A 186 -14.80 -1.13 11.01
C PRO A 186 -14.45 -2.43 11.69
N GLU A 187 -14.45 -3.55 10.97
CA GLU A 187 -14.08 -4.83 11.59
C GLU A 187 -12.63 -4.88 12.08
N CYS A 188 -11.76 -4.16 11.40
CA CYS A 188 -10.36 -4.09 11.79
C CYS A 188 -10.26 -3.24 13.06
N LEU A 189 -11.01 -2.15 13.11
CA LEU A 189 -10.98 -1.25 14.28
C LEU A 189 -11.66 -1.91 15.47
N MET A 190 -12.84 -2.49 15.24
CA MET A 190 -13.66 -3.09 16.31
C MET A 190 -13.17 -4.45 16.83
N GLN A 191 -12.64 -5.29 15.93
CA GLN A 191 -12.25 -6.63 16.35
C GLN A 191 -10.84 -7.11 16.00
N SER A 192 -10.01 -6.25 15.41
CA SER A 192 -8.70 -6.67 14.85
C SER A 192 -8.79 -7.90 13.89
N LYS A 193 -9.95 -8.07 13.24
CA LYS A 193 -10.09 -9.08 12.21
C LYS A 193 -9.86 -8.46 10.84
N PHE A 194 -9.06 -9.14 10.02
N PHE A 194 -9.07 -9.14 10.02
CA PHE A 194 -8.67 -8.63 8.69
CA PHE A 194 -8.75 -8.57 8.72
C PHE A 194 -9.07 -9.59 7.59
C PHE A 194 -9.03 -9.53 7.57
N TYR A 195 -9.97 -9.13 6.72
CA TYR A 195 -10.47 -9.93 5.59
C TYR A 195 -9.89 -9.34 4.34
N ILE A 196 -9.94 -10.09 3.24
CA ILE A 196 -9.69 -9.47 1.91
C ILE A 196 -10.61 -8.25 1.72
N ALA A 197 -11.86 -8.34 2.19
CA ALA A 197 -12.79 -7.20 2.10
C ALA A 197 -12.32 -5.97 2.91
N SER A 198 -11.45 -6.19 3.87
CA SER A 198 -10.86 -5.09 4.62
C SER A 198 -9.84 -4.32 3.72
N ASP A 199 -9.11 -5.04 2.87
CA ASP A 199 -8.20 -4.40 1.90
C ASP A 199 -9.02 -3.65 0.82
N VAL A 200 -10.21 -4.15 0.50
CA VAL A 200 -11.09 -3.40 -0.42
C VAL A 200 -11.43 -2.02 0.15
N TRP A 201 -11.85 -2.00 1.41
CA TRP A 201 -12.09 -0.74 2.15
C TRP A 201 -10.91 0.19 2.05
N SER A 202 -9.71 -0.30 2.38
CA SER A 202 -8.48 0.52 2.26
C SER A 202 -8.25 1.02 0.85
N PHE A 203 -8.54 0.16 -0.15
CA PHE A 203 -8.42 0.62 -1.50
C PHE A 203 -9.34 1.82 -1.79
N GLY A 204 -10.59 1.75 -1.35
CA GLY A 204 -11.49 2.95 -1.49
C GLY A 204 -10.84 4.21 -0.94
N VAL A 205 -10.20 4.10 0.22
CA VAL A 205 -9.52 5.27 0.81
C VAL A 205 -8.32 5.71 -0.06
N THR A 206 -7.57 4.73 -0.57
CA THR A 206 -6.47 5.02 -1.48
C THR A 206 -6.91 5.74 -2.77
N LEU A 207 -8.00 5.26 -3.35
CA LEU A 207 -8.68 5.88 -4.50
C LEU A 207 -9.05 7.34 -4.22
N HIS A 208 -9.58 7.61 -3.04
CA HIS A 208 -9.82 8.98 -2.58
C HIS A 208 -8.55 9.83 -2.61
N GLU A 209 -7.48 9.33 -2.02
CA GLU A 209 -6.19 10.00 -2.10
C GLU A 209 -5.76 10.27 -3.54
N LEU A 210 -5.88 9.25 -4.39
CA LEU A 210 -5.47 9.36 -5.79
C LEU A 210 -6.25 10.48 -6.50
N LEU A 211 -7.56 10.52 -6.28
CA LEU A 211 -8.40 11.58 -6.86
C LEU A 211 -8.15 13.00 -6.32
N THR A 212 -7.62 13.12 -5.11
CA THR A 212 -7.30 14.43 -4.57
C THR A 212 -5.82 14.76 -4.82
N TYR A 213 -5.16 13.95 -5.65
CA TYR A 213 -3.72 14.09 -5.93
C TYR A 213 -2.86 14.10 -4.68
N CYS A 214 -3.30 13.36 -3.67
CA CYS A 214 -2.59 13.27 -2.40
C CYS A 214 -2.32 14.60 -1.70
N ASP A 215 -3.18 15.59 -1.92
CA ASP A 215 -3.10 16.86 -1.19
C ASP A 215 -3.12 16.58 0.32
N SER A 216 -2.15 17.14 1.05
CA SER A 216 -2.08 16.85 2.49
C SER A 216 -3.34 17.28 3.27
N ASP A 217 -3.98 18.36 2.82
CA ASP A 217 -5.16 18.93 3.49
C ASP A 217 -6.44 18.16 3.19
N SER A 218 -6.33 17.21 2.25
CA SER A 218 -7.42 16.29 1.95
C SER A 218 -7.14 14.84 2.33
N SER A 219 -6.07 14.61 3.08
CA SER A 219 -5.71 13.25 3.45
C SER A 219 -6.78 12.62 4.34
N PRO A 220 -7.01 11.31 4.19
CA PRO A 220 -8.03 10.63 5.02
C PRO A 220 -7.87 10.98 6.51
N MET A 221 -6.65 11.06 7.00
CA MET A 221 -6.40 11.41 8.42
C MET A 221 -6.89 12.81 8.69
N ALA A 222 -6.48 13.77 7.87
CA ALA A 222 -6.89 15.15 8.12
C ALA A 222 -8.40 15.28 8.03
N LEU A 223 -9.02 14.63 7.05
CA LEU A 223 -10.47 14.73 6.89
C LEU A 223 -11.24 14.08 8.05
N PHE A 224 -10.87 12.88 8.44
CA PHE A 224 -11.60 12.23 9.53
C PHE A 224 -11.41 12.98 10.85
N LEU A 225 -10.21 13.52 11.07
CA LEU A 225 -9.91 14.29 12.30
C LEU A 225 -10.84 15.49 12.45
N LYS A 226 -11.15 16.12 11.32
CA LYS A 226 -12.13 17.22 11.26
C LYS A 226 -13.55 16.78 11.61
N MET A 227 -13.89 15.52 11.33
CA MET A 227 -15.22 15.00 11.62
C MET A 227 -15.34 14.60 13.07
N ILE A 228 -14.26 14.05 13.63
CA ILE A 228 -14.37 13.46 14.96
C ILE A 228 -13.70 14.29 16.05
N GLY A 229 -12.87 15.26 15.66
CA GLY A 229 -12.11 16.07 16.60
C GLY A 229 -10.70 15.54 16.77
N PRO A 230 -9.72 16.45 16.92
CA PRO A 230 -8.31 16.10 16.85
C PRO A 230 -7.61 15.78 18.18
N THR A 231 -8.29 15.98 19.31
CA THR A 231 -7.59 15.79 20.56
C THR A 231 -8.21 14.73 21.45
N HIS A 232 -8.71 13.64 20.85
CA HIS A 232 -9.32 12.56 21.64
C HIS A 232 -8.34 11.52 22.14
N GLY A 233 -7.07 11.62 21.74
CA GLY A 233 -6.04 10.70 22.22
C GLY A 233 -6.48 9.25 22.04
N GLN A 234 -6.45 8.47 23.11
CA GLN A 234 -6.82 7.05 23.03
C GLN A 234 -8.30 6.78 22.74
N MET A 235 -9.11 7.84 22.71
CA MET A 235 -10.50 7.66 22.30
C MET A 235 -10.69 7.88 20.80
N THR A 236 -9.62 8.22 20.09
CA THR A 236 -9.68 8.50 18.65
C THR A 236 -10.38 7.40 17.85
N VAL A 237 -9.91 6.16 17.98
CA VAL A 237 -10.51 5.03 17.25
C VAL A 237 -11.96 4.84 17.61
N THR A 238 -12.30 5.00 18.90
CA THR A 238 -13.67 4.90 19.33
C THR A 238 -14.59 5.90 18.63
N ARG A 239 -14.13 7.13 18.45
CA ARG A 239 -14.94 8.15 17.79
C ARG A 239 -15.04 7.86 16.30
N LEU A 240 -13.92 7.40 15.72
CA LEU A 240 -13.90 7.00 14.31
C LEU A 240 -14.95 5.93 14.05
N VAL A 241 -14.96 4.91 14.89
CA VAL A 241 -15.92 3.82 14.74
C VAL A 241 -17.35 4.36 14.87
N ASN A 242 -17.59 5.20 15.87
CA ASN A 242 -18.93 5.82 16.04
C ASN A 242 -19.35 6.53 14.76
N THR A 243 -18.46 7.36 14.23
CA THR A 243 -18.74 8.08 12.98
C THR A 243 -19.11 7.14 11.83
N LEU A 244 -18.34 6.07 11.68
CA LEU A 244 -18.57 5.10 10.62
C LEU A 244 -19.89 4.38 10.85
N LYS A 245 -20.19 3.99 12.10
CA LYS A 245 -21.49 3.37 12.41
C LYS A 245 -22.66 4.27 12.02
N GLU A 246 -22.48 5.58 12.14
CA GLU A 246 -23.49 6.57 11.78
C GLU A 246 -23.62 6.70 10.28
N GLY A 247 -22.73 6.04 9.53
CA GLY A 247 -22.84 6.02 8.08
C GLY A 247 -22.09 7.12 7.38
N LYS A 248 -21.29 7.89 8.12
CA LYS A 248 -20.51 8.93 7.48
C LYS A 248 -19.30 8.32 6.75
N ARG A 249 -18.94 8.92 5.62
CA ARG A 249 -17.76 8.53 4.85
C ARG A 249 -17.05 9.78 4.32
N LEU A 250 -15.84 9.62 3.78
CA LEU A 250 -15.17 10.70 3.06
C LEU A 250 -16.03 11.15 1.89
N PRO A 251 -16.11 12.47 1.66
CA PRO A 251 -16.95 12.93 0.55
C PRO A 251 -16.31 12.71 -0.81
N CYS A 252 -17.14 12.88 -1.85
CA CYS A 252 -16.73 12.85 -3.25
C CYS A 252 -15.78 13.98 -3.57
N PRO A 253 -14.55 13.64 -3.97
CA PRO A 253 -13.64 14.75 -4.26
C PRO A 253 -14.21 15.60 -5.41
N PRO A 254 -13.97 16.92 -5.37
CA PRO A 254 -14.55 17.67 -6.45
C PRO A 254 -13.83 17.18 -7.71
N ASN A 255 -14.46 17.19 -8.88
CA ASN A 255 -13.75 16.68 -10.06
C ASN A 255 -13.74 15.15 -10.15
N CYS A 256 -14.27 14.48 -9.13
CA CYS A 256 -14.52 13.03 -9.24
C CYS A 256 -15.97 12.82 -9.72
N PRO A 257 -16.14 12.19 -10.89
CA PRO A 257 -17.47 11.97 -11.41
C PRO A 257 -18.27 11.02 -10.54
N ASP A 258 -19.59 11.12 -10.60
CA ASP A 258 -20.40 10.26 -9.76
C ASP A 258 -20.15 8.77 -10.00
N GLU A 259 -19.89 8.37 -11.25
CA GLU A 259 -19.74 6.95 -11.54
C GLU A 259 -18.49 6.35 -10.85
N VAL A 260 -17.49 7.18 -10.67
CA VAL A 260 -16.30 6.75 -9.92
C VAL A 260 -16.58 6.72 -8.42
N TYR A 261 -17.22 7.79 -7.93
CA TYR A 261 -17.63 7.82 -6.54
C TYR A 261 -18.47 6.60 -6.12
N GLN A 262 -19.35 6.16 -7.02
CA GLN A 262 -20.15 4.97 -6.71
C GLN A 262 -19.31 3.71 -6.52
N LEU A 263 -18.24 3.58 -7.31
CA LEU A 263 -17.28 2.50 -7.12
C LEU A 263 -16.58 2.60 -5.75
N MET A 264 -16.17 3.80 -5.40
CA MET A 264 -15.55 4.07 -4.12
C MET A 264 -16.50 3.72 -2.98
N ARG A 265 -17.76 4.12 -3.09
CA ARG A 265 -18.74 3.81 -2.05
C ARG A 265 -18.94 2.31 -1.86
N LYS A 266 -18.81 1.53 -2.93
CA LYS A 266 -18.97 0.10 -2.85
C LYS A 266 -17.86 -0.56 -2.00
N CYS A 267 -16.75 0.14 -1.82
CA CYS A 267 -15.66 -0.36 -0.97
C CYS A 267 -15.95 -0.07 0.48
N TRP A 268 -16.92 0.83 0.72
CA TRP A 268 -17.19 1.32 2.08
C TRP A 268 -18.48 0.88 2.77
N GLU A 269 -19.06 -0.21 2.30
CA GLU A 269 -20.17 -0.84 3.02
C GLU A 269 -19.65 -1.19 4.40
N PHE A 270 -20.43 -0.91 5.44
CA PHE A 270 -20.06 -1.30 6.80
C PHE A 270 -19.70 -2.78 6.98
N GLN A 271 -20.53 -3.69 6.44
CA GLN A 271 -20.31 -5.13 6.55
C GLN A 271 -19.37 -5.57 5.44
N PRO A 272 -18.32 -6.34 5.79
CA PRO A 272 -17.36 -6.83 4.77
C PRO A 272 -18.02 -7.63 3.63
N SER A 273 -18.99 -8.50 3.93
CA SER A 273 -19.67 -9.26 2.85
C SER A 273 -20.47 -8.41 1.88
N ASN A 274 -20.80 -7.17 2.25
CA ASN A 274 -21.51 -6.29 1.33
C ASN A 274 -20.63 -5.50 0.38
N ARG A 275 -19.31 -5.62 0.55
CA ARG A 275 -18.38 -4.82 -0.27
C ARG A 275 -18.14 -5.50 -1.59
N THR A 276 -17.78 -4.70 -2.59
CA THR A 276 -17.39 -5.19 -3.89
C THR A 276 -16.06 -5.99 -3.75
N SER A 277 -15.78 -6.83 -4.73
CA SER A 277 -14.51 -7.53 -4.80
C SER A 277 -13.53 -6.71 -5.63
N PHE A 278 -12.24 -7.03 -5.57
CA PHE A 278 -11.29 -6.35 -6.47
C PHE A 278 -11.54 -6.65 -7.96
N GLN A 279 -11.90 -7.89 -8.30
CA GLN A 279 -12.28 -8.24 -9.70
C GLN A 279 -13.45 -7.38 -10.21
N ASN A 280 -14.43 -7.15 -9.35
CA ASN A 280 -15.57 -6.31 -9.75
C ASN A 280 -15.13 -4.86 -9.95
N LEU A 281 -14.16 -4.41 -9.15
CA LEU A 281 -13.62 -3.05 -9.30
C LEU A 281 -12.86 -2.89 -10.61
N ILE A 282 -12.03 -3.89 -10.90
CA ILE A 282 -11.24 -3.87 -12.12
C ILE A 282 -12.21 -3.65 -13.29
N GLU A 283 -13.28 -4.45 -13.31
CA GLU A 283 -14.20 -4.44 -14.44
C GLU A 283 -15.01 -3.14 -14.44
N GLY A 284 -15.33 -2.63 -13.24
CA GLY A 284 -16.05 -1.38 -13.09
C GLY A 284 -15.28 -0.17 -13.59
N PHE A 285 -13.98 -0.12 -13.27
CA PHE A 285 -13.13 0.94 -13.80
C PHE A 285 -12.90 0.81 -15.30
N GLU A 286 -12.63 -0.41 -15.77
CA GLU A 286 -12.43 -0.61 -17.23
C GLU A 286 -13.61 -0.18 -18.10
N ALA A 287 -14.83 -0.32 -17.59
CA ALA A 287 -16.04 0.14 -18.29
C ALA A 287 -16.08 1.68 -18.43
N LEU A 288 -15.28 2.39 -17.63
CA LEU A 288 -15.20 3.85 -17.70
C LEU A 288 -14.03 4.29 -18.56
N LEU A 289 -13.27 3.33 -19.06
CA LEU A 289 -12.11 3.63 -19.90
C LEU A 289 -12.35 3.25 -21.36
N LYS A 290 -12.21 4.26 -22.22
CA LYS A 290 -12.55 4.21 -23.67
C LYS A 290 -13.98 3.74 -23.96
C1 MI1 B . 9.59 3.14 -0.93
C2 MI1 B . 9.33 3.94 0.33
C4 MI1 B . 7.35 2.51 1.01
C5 MI1 B . 7.41 1.83 -0.36
C6 MI1 B . 8.16 2.67 -1.42
N3 MI1 B . 8.73 3.00 1.29
O21 MI1 B . 10.50 3.08 2.64
C20 MI1 B . 9.37 2.66 2.39
C22 MI1 B . 8.69 1.68 3.32
C23 MI1 B . 9.65 1.32 4.38
N24 MI1 B . 10.37 1.00 5.24
C7 MI1 B . 7.18 3.75 -1.95
N8 MI1 B . 10.23 3.96 -2.02
C9 MI1 B . 10.21 5.43 -2.01
C10 MI1 B . 10.86 3.40 -3.11
C15 MI1 B . 10.95 2.01 -3.30
C16 MI1 B . 10.54 0.86 -2.50
C11 MI1 B . 10.94 -0.22 -3.26
N12 MI1 B . 11.56 0.20 -4.41
C14 MI1 B . 11.57 1.55 -4.44
N17 MI1 B . 12.08 2.33 -5.41
C18 MI1 B . 11.95 3.67 -5.19
N19 MI1 B . 11.38 4.22 -4.09
#